data_1G92
#
_entry.id   1G92
#
_entity_poly.entity_id   1
_entity_poly.type   'polypeptide(L)'
_entity_poly.pdbx_seq_one_letter_code
;FLPLLILGSLLMTPPVIQAIHDAQR
;
_entity_poly.pdbx_strand_id   A
#
# COMPACT_ATOMS: atom_id res chain seq x y z
N PHE A 1 -7.42 -0.22 -5.75
CA PHE A 1 -7.33 -1.43 -4.94
C PHE A 1 -5.92 -1.60 -4.38
N LEU A 2 -5.56 -2.86 -4.15
CA LEU A 2 -4.23 -3.18 -3.66
C LEU A 2 -3.29 -2.01 -3.95
N PRO A 3 -3.18 -1.67 -5.25
CA PRO A 3 -2.30 -0.60 -5.68
C PRO A 3 -2.91 0.78 -5.34
N LEU A 4 -4.12 0.98 -5.83
CA LEU A 4 -4.80 2.24 -5.63
C LEU A 4 -5.00 2.48 -4.13
N LEU A 5 -5.25 1.39 -3.41
CA LEU A 5 -5.47 1.48 -1.98
C LEU A 5 -4.22 2.02 -1.30
N ILE A 6 -3.11 1.34 -1.53
CA ILE A 6 -1.84 1.74 -0.94
C ILE A 6 -1.46 3.12 -1.47
N LEU A 7 -1.74 3.33 -2.75
CA LEU A 7 -1.42 4.60 -3.38
C LEU A 7 -2.20 5.72 -2.70
N GLY A 8 -3.51 5.52 -2.59
CA GLY A 8 -4.36 6.51 -1.96
C GLY A 8 -3.88 6.83 -0.54
N SER A 9 -3.47 5.78 0.16
CA SER A 9 -2.98 5.93 1.53
C SER A 9 -1.46 6.10 1.52
N LEU A 10 -0.94 6.54 0.38
CA LEU A 10 0.48 6.74 0.23
C LEU A 10 0.81 8.23 0.42
N LEU A 11 0.57 8.70 1.63
CA LEU A 11 0.84 10.10 1.96
C LEU A 11 1.71 10.16 3.22
N MET A 12 1.11 9.78 4.34
CA MET A 12 1.81 9.79 5.60
C MET A 12 1.61 8.48 6.36
N THR A 13 1.35 7.43 5.60
CA THR A 13 1.12 6.12 6.19
C THR A 13 1.55 5.01 5.21
N PRO A 14 2.25 3.99 5.78
CA PRO A 14 2.72 2.88 4.97
C PRO A 14 1.56 1.93 4.62
N PRO A 15 1.89 0.92 3.78
CA PRO A 15 0.90 -0.06 3.36
C PRO A 15 0.60 -1.05 4.48
N VAL A 16 0.03 -0.51 5.56
CA VAL A 16 -0.31 -1.33 6.71
C VAL A 16 -1.36 -2.36 6.30
N ILE A 17 -1.73 -3.19 7.26
CA ILE A 17 -2.75 -4.20 7.04
C ILE A 17 -2.18 -5.28 6.10
N GLN A 18 -1.65 -4.82 4.98
CA GLN A 18 -1.10 -5.74 4.00
C GLN A 18 0.40 -5.96 4.26
N ALA A 19 1.08 -4.87 4.53
CA ALA A 19 2.52 -4.93 4.78
C ALA A 19 2.78 -5.89 5.95
N ILE A 20 2.10 -5.64 7.05
CA ILE A 20 2.27 -6.46 8.24
C ILE A 20 1.87 -7.90 7.92
N HIS A 21 0.87 -8.04 7.07
CA HIS A 21 0.38 -9.35 6.70
C HIS A 21 1.42 -10.09 5.89
N ASP A 22 1.99 -9.36 4.93
CA ASP A 22 3.00 -9.94 4.06
C ASP A 22 4.24 -10.28 4.90
N ALA A 23 4.58 -9.36 5.80
CA ALA A 23 5.74 -9.55 6.66
C ALA A 23 5.45 -10.69 7.64
N GLN A 24 4.17 -10.91 7.88
CA GLN A 24 3.76 -11.96 8.80
C GLN A 24 4.15 -13.34 8.23
N ARG A 25 4.10 -13.44 6.91
CA ARG A 25 4.44 -14.67 6.24
C ARG A 25 5.97 -14.79 6.09
N PHE A 1 -7.42 -0.22 -5.75
CA PHE A 1 -7.33 -1.43 -4.94
C PHE A 1 -5.92 -1.60 -4.38
N LEU A 2 -5.23 -0.48 -4.25
CA LEU A 2 -3.86 -0.50 -3.75
C LEU A 2 -3.24 0.88 -3.93
N PRO A 3 -3.34 1.39 -5.19
CA PRO A 3 -2.80 2.70 -5.50
C PRO A 3 -3.68 3.82 -4.93
N LEU A 4 -4.99 3.65 -5.10
CA LEU A 4 -5.94 4.63 -4.63
C LEU A 4 -6.45 4.23 -3.25
N LEU A 5 -6.49 2.92 -3.03
CA LEU A 5 -6.97 2.38 -1.77
C LEU A 5 -6.10 2.94 -0.62
N ILE A 6 -4.80 2.88 -0.83
CA ILE A 6 -3.85 3.37 0.17
C ILE A 6 -4.09 4.85 0.41
N LEU A 7 -4.44 5.55 -0.67
CA LEU A 7 -4.69 6.98 -0.58
C LEU A 7 -5.84 7.24 0.38
N GLY A 8 -6.89 6.44 0.22
CA GLY A 8 -8.06 6.56 1.08
C GLY A 8 -7.66 6.53 2.56
N SER A 9 -6.71 5.66 2.86
CA SER A 9 -6.23 5.51 4.22
C SER A 9 -5.00 6.38 4.45
N LEU A 10 -4.81 7.33 3.55
CA LEU A 10 -3.68 8.23 3.63
C LEU A 10 -4.18 9.68 3.66
N LEU A 11 -5.43 9.82 4.06
CA LEU A 11 -6.04 11.15 4.13
C LEU A 11 -5.92 11.69 5.55
N MET A 12 -6.57 10.99 6.47
CA MET A 12 -6.56 11.41 7.86
C MET A 12 -5.50 10.63 8.66
N THR A 13 -5.59 9.31 8.56
CA THR A 13 -4.65 8.44 9.26
C THR A 13 -3.34 8.34 8.48
N PRO A 14 -2.32 7.77 9.17
CA PRO A 14 -1.01 7.61 8.56
C PRO A 14 -1.01 6.46 7.55
N PRO A 15 0.18 6.26 6.92
CA PRO A 15 0.32 5.19 5.94
C PRO A 15 0.41 3.83 6.61
N VAL A 16 -0.61 3.53 7.40
CA VAL A 16 -0.68 2.27 8.11
C VAL A 16 -0.66 1.11 7.10
N ILE A 17 -1.53 1.23 6.10
CA ILE A 17 -1.62 0.22 5.07
C ILE A 17 -0.24 -0.08 4.51
N GLN A 18 0.64 0.92 4.63
CA GLN A 18 2.00 0.79 4.13
C GLN A 18 2.97 0.56 5.30
N ALA A 19 2.68 1.24 6.40
CA ALA A 19 3.51 1.12 7.58
C ALA A 19 3.53 -0.35 8.03
N ILE A 20 2.34 -0.91 8.19
CA ILE A 20 2.20 -2.28 8.64
C ILE A 20 2.70 -3.22 7.55
N HIS A 21 2.55 -2.77 6.31
CA HIS A 21 2.94 -3.57 5.16
C HIS A 21 4.45 -3.77 5.16
N ASP A 22 5.15 -2.66 5.35
CA ASP A 22 6.61 -2.70 5.36
C ASP A 22 7.08 -3.74 6.38
N ALA A 23 6.44 -3.71 7.54
CA ALA A 23 6.78 -4.64 8.60
C ALA A 23 6.45 -6.06 8.16
N GLN A 24 5.28 -6.20 7.55
CA GLN A 24 4.84 -7.50 7.05
C GLN A 24 5.65 -7.89 5.82
N ARG A 25 5.75 -6.95 4.89
CA ARG A 25 6.50 -7.18 3.66
C ARG A 25 6.04 -8.48 3.01
N PHE A 1 -7.42 -0.22 -5.75
CA PHE A 1 -7.33 -1.43 -4.94
C PHE A 1 -5.92 -1.60 -4.38
N LEU A 2 -5.57 -2.86 -4.13
CA LEU A 2 -4.24 -3.18 -3.62
C LEU A 2 -3.48 -1.88 -3.34
N PRO A 3 -3.07 -1.20 -4.44
CA PRO A 3 -2.32 0.03 -4.32
C PRO A 3 -3.22 1.19 -3.89
N LEU A 4 -4.16 1.52 -4.76
CA LEU A 4 -5.08 2.62 -4.49
C LEU A 4 -5.97 2.27 -3.31
N LEU A 5 -6.24 0.97 -3.17
CA LEU A 5 -7.09 0.49 -2.10
C LEU A 5 -6.40 0.76 -0.76
N ILE A 6 -5.15 0.34 -0.67
CA ILE A 6 -4.39 0.51 0.55
C ILE A 6 -4.13 2.01 0.78
N LEU A 7 -3.93 2.71 -0.31
CA LEU A 7 -3.67 4.14 -0.25
C LEU A 7 -4.83 4.84 0.48
N GLY A 8 -6.02 4.56 0.02
CA GLY A 8 -7.21 5.14 0.62
C GLY A 8 -7.27 4.84 2.11
N SER A 9 -6.83 3.65 2.47
CA SER A 9 -6.84 3.22 3.85
C SER A 9 -5.49 3.55 4.51
N LEU A 10 -4.78 4.48 3.89
CA LEU A 10 -3.47 4.88 4.39
C LEU A 10 -3.52 6.35 4.77
N LEU A 11 -2.61 6.73 5.66
CA LEU A 11 -2.52 8.11 6.11
C LEU A 11 -3.87 8.53 6.73
N MET A 12 -4.68 7.52 7.02
CA MET A 12 -5.98 7.76 7.59
C MET A 12 -6.40 6.62 8.53
N THR A 13 -6.77 5.51 7.92
CA THR A 13 -7.21 4.35 8.69
C THR A 13 -6.95 3.07 7.90
N PRO A 14 -6.37 2.06 8.62
CA PRO A 14 -6.07 0.78 8.01
C PRO A 14 -7.33 -0.05 7.79
N PRO A 15 -7.16 -1.21 7.10
CA PRO A 15 -8.27 -2.10 6.83
C PRO A 15 -8.67 -2.87 8.09
N VAL A 16 -9.07 -2.12 9.10
CA VAL A 16 -9.49 -2.72 10.36
C VAL A 16 -10.65 -3.69 10.10
N ILE A 17 -11.64 -3.20 9.37
CA ILE A 17 -12.80 -4.00 9.04
C ILE A 17 -12.34 -5.36 8.50
N GLN A 18 -11.17 -5.34 7.88
CA GLN A 18 -10.62 -6.55 7.29
C GLN A 18 -9.66 -7.23 8.27
N ALA A 19 -8.84 -6.42 8.90
CA ALA A 19 -7.87 -6.92 9.86
C ALA A 19 -8.60 -7.73 10.93
N ILE A 20 -9.63 -7.12 11.49
CA ILE A 20 -10.39 -7.74 12.55
C ILE A 20 -11.07 -9.01 12.01
N HIS A 21 -11.49 -8.92 10.75
CA HIS A 21 -12.19 -10.03 10.12
C HIS A 21 -11.22 -11.22 9.95
N ASP A 22 -10.03 -10.90 9.45
CA ASP A 22 -9.03 -11.92 9.23
C ASP A 22 -8.69 -12.60 10.55
N ALA A 23 -8.45 -11.78 11.57
CA ALA A 23 -8.11 -12.29 12.88
C ALA A 23 -9.17 -13.30 13.33
N GLN A 24 -10.40 -13.02 12.93
CA GLN A 24 -11.51 -13.90 13.25
C GLN A 24 -11.79 -14.85 12.09
N ARG A 25 -10.75 -15.10 11.30
CA ARG A 25 -10.87 -15.98 10.15
C ARG A 25 -11.22 -17.40 10.61
N PHE A 1 -7.42 -0.22 -5.75
CA PHE A 1 -7.33 -1.43 -4.94
C PHE A 1 -5.92 -1.60 -4.38
N LEU A 2 -5.75 -2.67 -3.61
CA LEU A 2 -4.47 -2.97 -3.02
C LEU A 2 -3.90 -4.24 -3.65
N PRO A 3 -4.60 -5.38 -3.39
CA PRO A 3 -4.16 -6.66 -3.91
C PRO A 3 -4.48 -6.77 -5.41
N LEU A 4 -5.74 -6.57 -5.73
CA LEU A 4 -6.19 -6.68 -7.11
C LEU A 4 -5.40 -5.69 -7.98
N LEU A 5 -5.05 -4.57 -7.37
CA LEU A 5 -4.31 -3.54 -8.09
C LEU A 5 -2.89 -4.02 -8.33
N ILE A 6 -2.22 -4.42 -7.25
CA ILE A 6 -0.86 -4.91 -7.34
C ILE A 6 -0.82 -6.13 -8.26
N LEU A 7 -1.86 -6.95 -8.15
CA LEU A 7 -1.94 -8.15 -8.96
C LEU A 7 -1.95 -7.77 -10.44
N GLY A 8 -2.88 -6.90 -10.79
CA GLY A 8 -3.00 -6.46 -12.17
C GLY A 8 -1.69 -5.84 -12.66
N SER A 9 -1.06 -5.10 -11.78
CA SER A 9 0.21 -4.45 -12.11
C SER A 9 1.38 -5.38 -11.81
N LEU A 10 1.06 -6.68 -11.75
CA LEU A 10 2.07 -7.68 -11.47
C LEU A 10 2.38 -8.47 -12.74
N LEU A 11 1.31 -8.83 -13.44
CA LEU A 11 1.44 -9.58 -14.68
C LEU A 11 0.99 -8.70 -15.85
N MET A 12 1.12 -7.39 -15.65
CA MET A 12 0.70 -6.44 -16.67
C MET A 12 1.68 -5.26 -16.74
N THR A 13 1.78 -4.55 -15.63
CA THR A 13 2.65 -3.39 -15.54
C THR A 13 3.19 -3.23 -14.12
N PRO A 14 4.52 -2.97 -14.03
CA PRO A 14 5.16 -2.79 -12.75
C PRO A 14 4.82 -1.43 -12.14
N PRO A 15 5.17 -1.29 -10.83
CA PRO A 15 4.91 -0.04 -10.12
C PRO A 15 5.89 1.05 -10.55
N VAL A 16 5.86 1.37 -11.82
CA VAL A 16 6.75 2.39 -12.37
C VAL A 16 6.52 3.70 -11.62
N ILE A 17 5.25 4.06 -11.49
CA ILE A 17 4.89 5.30 -10.80
C ILE A 17 5.53 5.30 -9.41
N GLN A 18 5.80 4.10 -8.91
CA GLN A 18 6.39 3.96 -7.59
C GLN A 18 7.90 3.74 -7.71
N ALA A 19 8.28 2.95 -8.72
CA ALA A 19 9.68 2.66 -8.96
C ALA A 19 10.43 3.98 -9.22
N ILE A 20 9.90 4.75 -10.16
CA ILE A 20 10.52 6.01 -10.53
C ILE A 20 10.35 7.02 -9.39
N HIS A 21 9.30 6.81 -8.62
CA HIS A 21 8.99 7.71 -7.53
C HIS A 21 10.03 7.54 -6.41
N ASP A 22 10.31 6.28 -6.10
CA ASP A 22 11.28 5.97 -5.07
C ASP A 22 12.64 6.59 -5.43
N ALA A 23 12.89 6.62 -6.73
CA ALA A 23 14.14 7.18 -7.24
C ALA A 23 14.07 8.71 -7.13
N GLN A 24 12.91 9.25 -7.49
CA GLN A 24 12.69 10.69 -7.40
C GLN A 24 11.97 11.04 -6.10
N ARG A 25 11.20 10.08 -5.60
CA ARG A 25 10.45 10.28 -4.38
C ARG A 25 9.64 11.57 -4.45
N PHE A 1 -7.42 -0.22 -5.75
CA PHE A 1 -7.33 -1.43 -4.94
C PHE A 1 -5.92 -1.60 -4.38
N LEU A 2 -5.56 -2.86 -4.15
CA LEU A 2 -4.24 -3.18 -3.65
C LEU A 2 -3.30 -1.99 -3.89
N PRO A 3 -3.14 -1.64 -5.19
CA PRO A 3 -2.27 -0.55 -5.58
C PRO A 3 -2.91 0.80 -5.25
N LEU A 4 -4.12 1.00 -5.78
CA LEU A 4 -4.83 2.25 -5.59
C LEU A 4 -5.10 2.46 -4.10
N LEU A 5 -5.37 1.35 -3.42
CA LEU A 5 -5.67 1.40 -2.00
C LEU A 5 -4.45 1.94 -1.24
N ILE A 6 -3.33 1.26 -1.44
CA ILE A 6 -2.10 1.66 -0.77
C ILE A 6 -1.73 3.08 -1.18
N LEU A 7 -1.95 3.37 -2.46
CA LEU A 7 -1.65 4.69 -2.99
C LEU A 7 -2.47 5.75 -2.25
N GLY A 8 -3.78 5.52 -2.23
CA GLY A 8 -4.68 6.44 -1.55
C GLY A 8 -4.28 6.62 -0.08
N SER A 9 -3.88 5.52 0.53
CA SER A 9 -3.47 5.54 1.93
C SER A 9 -1.96 5.80 2.02
N LEU A 10 -1.45 6.52 1.04
CA LEU A 10 -0.04 6.85 1.01
C LEU A 10 0.13 8.37 0.97
N LEU A 11 -0.66 8.99 0.10
CA LEU A 11 -0.61 10.44 -0.04
C LEU A 11 -0.81 11.09 1.33
N MET A 12 -1.96 10.80 1.93
CA MET A 12 -2.27 11.35 3.24
C MET A 12 -2.53 10.23 4.24
N THR A 13 -1.78 9.14 4.09
CA THR A 13 -1.93 8.00 4.97
C THR A 13 -0.62 7.21 5.04
N PRO A 14 -0.35 6.68 6.26
CA PRO A 14 0.86 5.88 6.47
C PRO A 14 0.71 4.49 5.86
N PRO A 15 1.83 3.71 5.93
CA PRO A 15 1.82 2.36 5.40
C PRO A 15 1.06 1.41 6.33
N VAL A 16 -0.20 1.75 6.55
CA VAL A 16 -1.05 0.93 7.41
C VAL A 16 -1.10 -0.48 6.85
N ILE A 17 -1.37 -0.58 5.56
CA ILE A 17 -1.44 -1.87 4.90
C ILE A 17 -0.19 -2.68 5.22
N GLN A 18 0.90 -1.96 5.48
CA GLN A 18 2.16 -2.59 5.79
C GLN A 18 2.43 -2.55 7.30
N ALA A 19 2.00 -1.45 7.90
CA ALA A 19 2.16 -1.27 9.34
C ALA A 19 1.48 -2.43 10.06
N ILE A 20 0.20 -2.61 9.76
CA ILE A 20 -0.58 -3.65 10.40
C ILE A 20 -0.09 -5.02 9.92
N HIS A 21 0.41 -5.04 8.70
CA HIS A 21 0.88 -6.28 8.10
C HIS A 21 2.10 -6.80 8.88
N ASP A 22 3.00 -5.88 9.17
CA ASP A 22 4.21 -6.24 9.91
C ASP A 22 3.83 -6.97 11.19
N ALA A 23 2.80 -6.44 11.84
CA ALA A 23 2.33 -7.03 13.09
C ALA A 23 1.71 -8.40 12.80
N GLN A 24 0.95 -8.45 11.71
CA GLN A 24 0.31 -9.69 11.29
C GLN A 24 1.35 -10.65 10.70
N ARG A 25 2.16 -10.11 9.80
CA ARG A 25 3.20 -10.91 9.16
C ARG A 25 2.61 -12.21 8.61
N PHE A 1 -7.42 -0.22 -5.75
CA PHE A 1 -7.33 -1.43 -4.94
C PHE A 1 -5.92 -1.60 -4.38
N LEU A 2 -5.76 -2.65 -3.58
CA LEU A 2 -4.49 -2.93 -2.95
C LEU A 2 -3.78 -4.05 -3.73
N PRO A 3 -4.36 -5.26 -3.66
CA PRO A 3 -3.80 -6.42 -4.33
C PRO A 3 -4.05 -6.35 -5.84
N LEU A 4 -2.96 -6.35 -6.59
CA LEU A 4 -3.04 -6.36 -8.03
C LEU A 4 -3.18 -4.93 -8.55
N LEU A 5 -2.61 -4.01 -7.79
CA LEU A 5 -2.66 -2.60 -8.16
C LEU A 5 -1.53 -1.86 -7.45
N ILE A 6 -1.44 -2.08 -6.14
CA ILE A 6 -0.41 -1.44 -5.34
C ILE A 6 0.96 -1.82 -5.87
N LEU A 7 1.04 -3.05 -6.39
CA LEU A 7 2.29 -3.56 -6.92
C LEU A 7 2.79 -2.61 -8.02
N GLY A 8 1.91 -2.32 -8.95
CA GLY A 8 2.24 -1.42 -10.05
C GLY A 8 2.75 -0.07 -9.52
N SER A 9 2.13 0.38 -8.45
CA SER A 9 2.52 1.65 -7.85
C SER A 9 3.50 1.40 -6.70
N LEU A 10 4.16 0.25 -6.76
CA LEU A 10 5.11 -0.13 -5.73
C LEU A 10 6.52 -0.06 -6.31
N LEU A 11 6.74 0.94 -7.15
CA LEU A 11 8.03 1.13 -7.78
C LEU A 11 8.74 2.34 -7.16
N MET A 12 8.01 3.44 -7.11
CA MET A 12 8.54 4.67 -6.56
C MET A 12 7.71 5.14 -5.36
N THR A 13 6.43 5.39 -5.63
CA THR A 13 5.52 5.83 -4.60
C THR A 13 5.34 4.75 -3.54
N PRO A 14 5.44 5.17 -2.25
CA PRO A 14 5.30 4.25 -1.14
C PRO A 14 3.82 3.86 -0.94
N PRO A 15 3.60 2.93 0.03
CA PRO A 15 2.25 2.48 0.33
C PRO A 15 1.48 3.54 1.13
N VAL A 16 1.35 4.70 0.50
CA VAL A 16 0.63 5.81 1.13
C VAL A 16 -0.79 5.36 1.48
N ILE A 17 -1.42 4.70 0.52
CA ILE A 17 -2.77 4.20 0.72
C ILE A 17 -2.84 3.46 2.05
N GLN A 18 -1.70 2.90 2.44
CA GLN A 18 -1.62 2.15 3.68
C GLN A 18 -0.70 2.87 4.67
N ALA A 19 0.26 3.60 4.12
CA ALA A 19 1.20 4.35 4.94
C ALA A 19 0.42 5.34 5.82
N ILE A 20 -0.45 6.10 5.18
CA ILE A 20 -1.22 7.10 5.89
C ILE A 20 -2.28 6.42 6.75
N HIS A 21 -2.69 5.24 6.31
CA HIS A 21 -3.72 4.50 7.01
C HIS A 21 -3.18 4.02 8.36
N ASP A 22 -1.94 3.53 8.32
CA ASP A 22 -1.31 3.03 9.53
C ASP A 22 -1.20 4.16 10.55
N ALA A 23 -0.73 5.31 10.07
CA ALA A 23 -0.56 6.46 10.93
C ALA A 23 -1.94 6.98 11.37
N GLN A 24 -2.93 6.70 10.54
CA GLN A 24 -4.30 7.11 10.83
C GLN A 24 -4.78 6.46 12.13
N ARG A 25 -4.37 5.21 12.32
CA ARG A 25 -4.74 4.48 13.51
C ARG A 25 -3.86 4.90 14.69
N PHE A 1 -7.42 -0.22 -5.75
CA PHE A 1 -7.33 -1.43 -4.94
C PHE A 1 -5.92 -1.60 -4.38
N LEU A 2 -5.19 -0.51 -4.35
CA LEU A 2 -3.82 -0.52 -3.85
C LEU A 2 -3.20 0.87 -4.01
N PRO A 3 -3.17 1.34 -5.28
CA PRO A 3 -2.60 2.63 -5.59
C PRO A 3 -3.54 3.77 -5.16
N LEU A 4 -4.82 3.59 -5.48
CA LEU A 4 -5.80 4.60 -5.19
C LEU A 4 -6.09 4.62 -3.68
N LEU A 5 -6.07 3.43 -3.10
CA LEU A 5 -6.35 3.30 -1.68
C LEU A 5 -5.34 4.12 -0.88
N ILE A 6 -4.07 3.84 -1.14
CA ILE A 6 -3.00 4.53 -0.45
C ILE A 6 -3.05 6.02 -0.78
N LEU A 7 -3.38 6.30 -2.04
CA LEU A 7 -3.46 7.66 -2.52
C LEU A 7 -4.52 8.42 -1.72
N GLY A 8 -5.71 7.82 -1.68
CA GLY A 8 -6.82 8.42 -0.95
C GLY A 8 -6.43 8.72 0.50
N SER A 9 -5.66 7.81 1.07
CA SER A 9 -5.21 7.96 2.44
C SER A 9 -3.82 8.61 2.46
N LEU A 10 -3.51 9.32 1.39
CA LEU A 10 -2.22 9.98 1.27
C LEU A 10 -2.43 11.50 1.34
N LEU A 11 -2.66 11.97 2.55
CA LEU A 11 -2.88 13.39 2.77
C LEU A 11 -1.69 13.97 3.54
N MET A 12 -1.48 13.42 4.73
CA MET A 12 -0.39 13.88 5.58
C MET A 12 0.45 12.70 6.09
N THR A 13 -0.23 11.76 6.72
CA THR A 13 0.44 10.60 7.27
C THR A 13 -0.47 9.36 7.16
N PRO A 14 0.15 8.24 6.69
CA PRO A 14 -0.59 7.01 6.52
C PRO A 14 -0.85 6.33 7.87
N PRO A 15 -1.65 5.24 7.84
CA PRO A 15 -1.97 4.50 9.05
C PRO A 15 -0.78 3.65 9.50
N VAL A 16 0.32 4.34 9.77
CA VAL A 16 1.53 3.67 10.22
C VAL A 16 1.21 2.84 11.48
N ILE A 17 0.51 3.49 12.40
CA ILE A 17 0.14 2.82 13.65
C ILE A 17 -0.44 1.45 13.34
N GLN A 18 -1.20 1.39 12.25
CA GLN A 18 -1.84 0.16 11.84
C GLN A 18 -0.98 -0.56 10.79
N ALA A 19 -0.35 0.25 9.93
CA ALA A 19 0.49 -0.28 8.89
C ALA A 19 1.58 -1.17 9.50
N ILE A 20 2.22 -0.62 10.51
CA ILE A 20 3.33 -1.33 11.17
C ILE A 20 2.77 -2.54 11.92
N HIS A 21 1.57 -2.36 12.46
CA HIS A 21 0.92 -3.41 13.23
C HIS A 21 0.66 -4.62 12.33
N ASP A 22 0.12 -4.34 11.15
CA ASP A 22 -0.19 -5.38 10.20
C ASP A 22 1.06 -6.23 9.95
N ALA A 23 2.20 -5.55 9.86
CA ALA A 23 3.45 -6.22 9.62
C ALA A 23 3.87 -6.99 10.88
N GLN A 24 3.67 -6.34 12.01
CA GLN A 24 4.01 -6.96 13.29
C GLN A 24 3.01 -8.07 13.62
N ARG A 25 1.73 -7.75 13.48
CA ARG A 25 0.68 -8.70 13.76
C ARG A 25 0.87 -9.31 15.15
N PHE A 1 -7.42 -0.22 -5.75
CA PHE A 1 -7.33 -1.43 -4.94
C PHE A 1 -5.92 -1.60 -4.38
N LEU A 2 -5.72 -2.73 -3.71
CA LEU A 2 -4.43 -3.04 -3.13
C LEU A 2 -3.73 -4.10 -3.99
N PRO A 3 -4.32 -5.32 -3.99
CA PRO A 3 -3.75 -6.43 -4.74
C PRO A 3 -4.02 -6.27 -6.24
N LEU A 4 -5.27 -5.98 -6.56
CA LEU A 4 -5.67 -5.83 -7.94
C LEU A 4 -4.96 -4.61 -8.55
N LEU A 5 -4.42 -3.79 -7.66
CA LEU A 5 -3.70 -2.59 -8.09
C LEU A 5 -2.21 -2.87 -8.08
N ILE A 6 -1.77 -3.48 -6.98
CA ILE A 6 -0.36 -3.83 -6.83
C ILE A 6 0.07 -4.73 -7.98
N LEU A 7 -0.85 -5.59 -8.38
CA LEU A 7 -0.59 -6.52 -9.48
C LEU A 7 -0.22 -5.73 -10.73
N GLY A 8 -0.98 -4.67 -10.97
CA GLY A 8 -0.75 -3.82 -12.12
C GLY A 8 0.65 -3.22 -12.08
N SER A 9 0.99 -2.65 -10.94
CA SER A 9 2.30 -2.04 -10.77
C SER A 9 3.34 -3.12 -10.41
N LEU A 10 2.84 -4.34 -10.24
CA LEU A 10 3.71 -5.45 -9.92
C LEU A 10 4.78 -5.60 -11.00
N LEU A 11 4.37 -5.33 -12.23
CA LEU A 11 5.28 -5.44 -13.36
C LEU A 11 5.95 -4.08 -13.60
N MET A 12 5.84 -3.21 -12.61
CA MET A 12 6.41 -1.88 -12.70
C MET A 12 7.20 -1.53 -11.43
N THR A 13 6.48 -1.53 -10.32
CA THR A 13 7.09 -1.20 -9.04
C THR A 13 6.34 -1.88 -7.89
N PRO A 14 7.11 -2.68 -7.11
CA PRO A 14 6.53 -3.39 -5.98
C PRO A 14 6.24 -2.44 -4.81
N PRO A 15 5.88 -3.05 -3.65
CA PRO A 15 5.59 -2.27 -2.46
C PRO A 15 6.89 -1.77 -1.82
N VAL A 16 7.64 -1.01 -2.61
CA VAL A 16 8.90 -0.45 -2.14
C VAL A 16 8.62 0.54 -1.00
N ILE A 17 7.66 1.42 -1.27
CA ILE A 17 7.29 2.42 -0.28
C ILE A 17 6.98 1.73 1.05
N GLN A 18 6.51 0.50 0.93
CA GLN A 18 6.13 -0.27 2.11
C GLN A 18 7.32 -1.10 2.62
N ALA A 19 8.06 -1.65 1.66
CA ALA A 19 9.21 -2.48 1.99
C ALA A 19 10.18 -1.66 2.85
N ILE A 20 10.52 -0.49 2.35
CA ILE A 20 11.47 0.37 3.04
C ILE A 20 10.89 0.80 4.37
N HIS A 21 9.57 0.98 4.39
CA HIS A 21 8.89 1.42 5.59
C HIS A 21 9.00 0.34 6.67
N ASP A 22 8.71 -0.89 6.26
CA ASP A 22 8.76 -2.02 7.19
C ASP A 22 10.17 -2.14 7.77
N ALA A 23 11.15 -2.11 6.88
CA ALA A 23 12.53 -2.24 7.29
C ALA A 23 12.85 -1.17 8.33
N GLN A 24 12.28 0.01 8.12
CA GLN A 24 12.50 1.11 9.03
C GLN A 24 11.70 0.91 10.33
N ARG A 25 10.42 0.62 10.15
CA ARG A 25 9.54 0.38 11.29
C ARG A 25 10.01 -0.83 12.08
N PHE A 1 -7.42 -0.22 -5.75
CA PHE A 1 -7.33 -1.43 -4.94
C PHE A 1 -5.92 -1.60 -4.38
N LEU A 2 -5.76 -2.67 -3.60
CA LEU A 2 -4.47 -2.96 -3.01
C LEU A 2 -3.85 -4.17 -3.72
N PRO A 3 -4.47 -5.36 -3.50
CA PRO A 3 -3.97 -6.59 -4.08
C PRO A 3 -4.31 -6.65 -5.58
N LEU A 4 -5.59 -6.43 -5.86
CA LEU A 4 -6.06 -6.48 -7.24
C LEU A 4 -5.27 -5.48 -8.09
N LEU A 5 -4.86 -4.41 -7.44
CA LEU A 5 -4.12 -3.36 -8.13
C LEU A 5 -2.66 -3.80 -8.29
N ILE A 6 -2.05 -4.13 -7.16
CA ILE A 6 -0.66 -4.56 -7.17
C ILE A 6 -0.52 -5.82 -8.02
N LEU A 7 -1.52 -6.68 -7.91
CA LEU A 7 -1.52 -7.94 -8.65
C LEU A 7 -1.63 -7.63 -10.15
N GLY A 8 -2.58 -6.77 -10.49
CA GLY A 8 -2.79 -6.38 -11.87
C GLY A 8 -1.50 -5.84 -12.49
N SER A 9 -0.79 -5.07 -11.69
CA SER A 9 0.47 -4.48 -12.14
C SER A 9 1.64 -5.36 -11.73
N LEU A 10 1.33 -6.64 -11.54
CA LEU A 10 2.35 -7.60 -11.14
C LEU A 10 2.62 -8.57 -12.30
N LEU A 11 3.74 -8.33 -12.97
CA LEU A 11 4.12 -9.17 -14.10
C LEU A 11 5.62 -9.01 -14.37
N MET A 12 5.98 -7.81 -14.79
CA MET A 12 7.38 -7.52 -15.09
C MET A 12 7.99 -6.59 -14.04
N THR A 13 7.28 -5.52 -13.76
CA THR A 13 7.75 -4.53 -12.79
C THR A 13 6.57 -3.86 -12.09
N PRO A 14 6.70 -3.74 -10.74
CA PRO A 14 5.65 -3.13 -9.94
C PRO A 14 5.65 -1.62 -10.11
N PRO A 15 4.64 -0.97 -9.47
CA PRO A 15 4.53 0.48 -9.54
C PRO A 15 5.57 1.16 -8.65
N VAL A 16 6.82 0.89 -8.96
CA VAL A 16 7.92 1.47 -8.19
C VAL A 16 7.79 3.00 -8.20
N ILE A 17 7.52 3.54 -9.38
CA ILE A 17 7.37 4.98 -9.51
C ILE A 17 6.42 5.49 -8.42
N GLN A 18 5.43 4.68 -8.12
CA GLN A 18 4.45 5.06 -7.11
C GLN A 18 4.87 4.52 -5.74
N ALA A 19 5.39 3.30 -5.76
CA ALA A 19 5.83 2.66 -4.53
C ALA A 19 6.85 3.56 -3.83
N ILE A 20 7.83 3.98 -4.60
CA ILE A 20 8.91 4.80 -4.06
C ILE A 20 8.34 6.15 -3.61
N HIS A 21 7.37 6.62 -4.37
CA HIS A 21 6.75 7.91 -4.08
C HIS A 21 6.04 7.83 -2.72
N ASP A 22 5.23 6.79 -2.57
CA ASP A 22 4.48 6.61 -1.34
C ASP A 22 5.46 6.42 -0.18
N ALA A 23 6.53 5.70 -0.47
CA ALA A 23 7.54 5.43 0.54
C ALA A 23 8.08 6.75 1.09
N GLN A 24 8.25 7.71 0.19
CA GLN A 24 8.74 9.02 0.56
C GLN A 24 7.92 9.59 1.71
N ARG A 25 6.62 9.35 1.64
CA ARG A 25 5.70 9.84 2.65
C ARG A 25 5.95 9.11 3.98
N PHE A 1 -7.42 -0.22 -5.75
CA PHE A 1 -7.33 -1.43 -4.94
C PHE A 1 -5.92 -1.60 -4.38
N LEU A 2 -5.58 -2.86 -4.11
CA LEU A 2 -4.25 -3.18 -3.60
C LEU A 2 -3.31 -2.00 -3.85
N PRO A 3 -3.13 -1.68 -5.16
CA PRO A 3 -2.24 -0.59 -5.55
C PRO A 3 -2.90 0.76 -5.28
N LEU A 4 -4.06 0.96 -5.87
CA LEU A 4 -4.77 2.23 -5.73
C LEU A 4 -5.08 2.47 -4.25
N LEU A 5 -5.35 1.38 -3.55
CA LEU A 5 -5.68 1.48 -2.13
C LEU A 5 -4.48 2.03 -1.37
N ILE A 6 -3.36 1.35 -1.51
CA ILE A 6 -2.13 1.76 -0.82
C ILE A 6 -1.73 3.15 -1.33
N LEU A 7 -1.91 3.34 -2.63
CA LEU A 7 -1.54 4.61 -3.25
C LEU A 7 -2.43 5.72 -2.68
N GLY A 8 -3.73 5.46 -2.70
CA GLY A 8 -4.69 6.43 -2.18
C GLY A 8 -4.36 6.81 -0.74
N SER A 9 -3.97 5.80 0.03
CA SER A 9 -3.63 6.03 1.43
C SER A 9 -2.11 6.21 1.57
N LEU A 10 -1.49 6.64 0.47
CA LEU A 10 -0.06 6.86 0.46
C LEU A 10 0.24 8.32 0.74
N LEU A 11 -0.28 8.80 1.87
CA LEU A 11 -0.06 10.18 2.27
C LEU A 11 0.86 10.23 3.49
N MET A 12 0.45 9.50 4.52
CA MET A 12 1.23 9.45 5.75
C MET A 12 2.31 8.36 5.66
N THR A 13 1.88 7.16 5.35
CA THR A 13 2.80 6.04 5.25
C THR A 13 2.30 5.04 4.20
N PRO A 14 3.26 4.55 3.37
CA PRO A 14 2.93 3.59 2.34
C PRO A 14 2.70 2.19 2.93
N PRO A 15 2.29 1.25 2.04
CA PRO A 15 2.02 -0.11 2.46
C PRO A 15 3.34 -0.87 2.72
N VAL A 16 4.10 -0.35 3.68
CA VAL A 16 5.37 -0.96 4.03
C VAL A 16 5.13 -2.41 4.46
N ILE A 17 4.15 -2.58 5.33
CA ILE A 17 3.80 -3.90 5.83
C ILE A 17 3.61 -4.85 4.64
N GLN A 18 3.26 -4.26 3.51
CA GLN A 18 3.03 -5.04 2.30
C GLN A 18 4.25 -4.97 1.38
N ALA A 19 4.87 -3.80 1.37
CA ALA A 19 6.05 -3.58 0.53
C ALA A 19 7.13 -4.57 0.94
N ILE A 20 7.44 -4.58 2.23
CA ILE A 20 8.49 -5.44 2.75
C ILE A 20 8.04 -6.89 2.66
N HIS A 21 6.73 -7.08 2.74
CA HIS A 21 6.16 -8.42 2.72
C HIS A 21 6.43 -9.07 1.35
N ASP A 22 6.11 -8.32 0.31
CA ASP A 22 6.29 -8.82 -1.05
C ASP A 22 7.77 -9.16 -1.27
N ALA A 23 8.62 -8.31 -0.71
CA ALA A 23 10.06 -8.51 -0.85
C ALA A 23 10.47 -9.79 -0.10
N GLN A 24 9.95 -9.91 1.12
CA GLN A 24 10.24 -11.08 1.92
C GLN A 24 9.92 -12.36 1.15
N ARG A 25 8.91 -12.26 0.30
CA ARG A 25 8.50 -13.40 -0.50
C ARG A 25 9.63 -13.83 -1.44
#